data_1TVN
#
_entry.id   1TVN
#
_cell.length_a   135.400
_cell.length_b   78.900
_cell.length_c   44.100
_cell.angle_alpha   90.00
_cell.angle_beta   90.00
_cell.angle_gamma   90.00
#
_symmetry.space_group_name_H-M   'P 21 21 21'
#
loop_
_entity.id
_entity.type
_entity.pdbx_description
1 polymer cellulase
2 water water
#
_entity_poly.entity_id   1
_entity_poly.type   'polypeptide(L)'
_entity_poly.pdbx_seq_one_letter_code
;AVEKLTVSGNQILAGGENTSFAGPSLFWSNTGWGAEKFYTAETVAKAKTEFNATLIRAAIGHGTSTGGSLNFDWEGNMSR
LDTVVNAAIAEDMYVIIDFHSHEAHTDQATAVRFFEDVATKYGQYDNVIYEIYNEPLQISWVNDIKPYAETVIDKIRAID
PDNLIVVGTPTWSQDVDVASQNPIDRANIAYTLHFYAGTHGQSYRNKAQTALDNGIALFATEWGTVNADGNGGVNINETD
AWMAFFKTNNISHANWALNDKNEGASLFTPGGSWNSLTSSGSKVKEIIQGWGG
;
_entity_poly.pdbx_strand_id   A,B
#
# COMPACT_ATOMS: atom_id res chain seq x y z
N ALA A 1 -18.32 -30.23 16.21
CA ALA A 1 -16.87 -30.32 15.88
C ALA A 1 -16.61 -30.39 14.37
N VAL A 2 -15.36 -30.10 14.02
CA VAL A 2 -14.88 -30.12 12.64
C VAL A 2 -13.80 -31.20 12.69
N GLU A 3 -13.36 -31.68 11.53
CA GLU A 3 -12.32 -32.72 11.50
C GLU A 3 -10.93 -32.12 11.73
N LYS A 4 -10.05 -32.93 12.28
CA LYS A 4 -8.67 -32.49 12.54
C LYS A 4 -7.91 -32.37 11.22
N LEU A 5 -7.15 -31.28 11.07
CA LEU A 5 -6.35 -31.04 9.87
C LEU A 5 -4.91 -31.47 10.08
N THR A 6 -4.41 -32.27 9.16
CA THR A 6 -3.01 -32.74 9.24
C THR A 6 -2.42 -32.65 7.84
N VAL A 7 -1.10 -32.80 7.73
CA VAL A 7 -0.47 -32.74 6.41
C VAL A 7 0.25 -34.06 6.13
N SER A 8 0.10 -34.55 4.89
CA SER A 8 0.76 -35.79 4.48
C SER A 8 1.22 -35.48 3.06
N GLY A 9 2.54 -35.42 2.84
CA GLY A 9 3.02 -35.11 1.51
C GLY A 9 2.57 -33.67 1.24
N ASN A 10 2.10 -33.39 0.03
CA ASN A 10 1.66 -32.03 -0.29
C ASN A 10 0.16 -31.84 -0.06
N GLN A 11 -0.45 -32.72 0.74
N GLN A 11 -0.46 -32.75 0.70
CA GLN A 11 -1.88 -32.62 0.99
CA GLN A 11 -1.89 -32.66 0.96
C GLN A 11 -2.27 -32.31 2.41
C GLN A 11 -2.30 -32.36 2.39
N ILE A 12 -3.35 -31.55 2.54
CA ILE A 12 -3.86 -31.21 3.85
C ILE A 12 -5.06 -32.19 3.97
N LEU A 13 -5.02 -33.07 4.96
CA LEU A 13 -6.10 -34.04 5.18
C LEU A 13 -7.00 -33.59 6.32
N ALA A 14 -8.31 -33.88 6.21
CA ALA A 14 -9.26 -33.52 7.25
C ALA A 14 -9.81 -34.87 7.71
N GLY A 15 -9.50 -35.26 8.95
CA GLY A 15 -9.98 -36.55 9.41
C GLY A 15 -9.32 -37.65 8.57
N GLY A 16 -8.11 -37.39 8.03
CA GLY A 16 -7.40 -38.37 7.23
C GLY A 16 -7.84 -38.46 5.77
N GLU A 17 -8.77 -37.61 5.38
CA GLU A 17 -9.25 -37.62 3.98
C GLU A 17 -8.92 -36.35 3.20
N ASN A 18 -8.74 -36.49 1.89
CA ASN A 18 -8.43 -35.36 1.00
C ASN A 18 -9.69 -34.55 0.79
N THR A 19 -9.60 -33.24 1.05
CA THR A 19 -10.75 -32.35 0.88
C THR A 19 -10.24 -30.93 1.04
N SER A 20 -11.10 -29.94 0.86
CA SER A 20 -10.68 -28.54 1.01
C SER A 20 -11.86 -27.71 1.48
N PHE A 21 -11.58 -26.50 1.96
CA PHE A 21 -12.57 -25.60 2.51
C PHE A 21 -12.43 -24.19 1.98
N ALA A 22 -13.55 -23.48 1.92
CA ALA A 22 -13.58 -22.12 1.43
C ALA A 22 -14.35 -21.18 2.34
N GLY A 23 -13.88 -19.95 2.43
CA GLY A 23 -14.56 -18.97 3.25
C GLY A 23 -14.00 -17.61 3.02
N PRO A 24 -14.57 -16.62 3.72
CA PRO A 24 -14.07 -15.26 3.55
C PRO A 24 -13.03 -14.86 4.58
N SER A 25 -12.18 -13.93 4.18
CA SER A 25 -11.21 -13.39 5.11
C SER A 25 -11.73 -12.00 5.49
N LEU A 26 -11.77 -11.72 6.78
CA LEU A 26 -12.17 -10.39 7.22
C LEU A 26 -10.97 -9.47 6.84
N PHE A 27 -11.21 -8.18 6.76
CA PHE A 27 -10.19 -7.19 6.44
C PHE A 27 -9.43 -6.92 7.76
N TRP A 28 -8.35 -6.15 7.70
CA TRP A 28 -7.55 -5.77 8.88
C TRP A 28 -8.50 -5.45 10.05
N SER A 29 -8.16 -5.97 11.22
CA SER A 29 -8.96 -5.75 12.45
C SER A 29 -8.64 -4.43 13.12
N ASN A 30 -7.63 -3.74 12.62
CA ASN A 30 -7.17 -2.49 13.21
C ASN A 30 -8.14 -1.45 13.66
N THR A 31 -7.87 -0.89 14.83
CA THR A 31 -8.72 0.16 15.36
C THR A 31 -8.59 1.38 14.44
N GLY A 32 -9.73 1.88 13.96
CA GLY A 32 -9.78 3.04 13.07
C GLY A 32 -9.78 2.74 11.59
N TRP A 33 -9.65 1.48 11.21
CA TRP A 33 -9.62 1.12 9.79
C TRP A 33 -10.95 0.74 9.14
N GLY A 34 -12.02 0.90 9.92
CA GLY A 34 -13.39 0.64 9.47
C GLY A 34 -13.93 -0.74 9.33
N ALA A 35 -13.14 -1.75 9.68
CA ALA A 35 -13.61 -3.10 9.56
C ALA A 35 -13.84 -3.78 10.91
N GLU A 36 -13.57 -3.05 12.00
CA GLU A 36 -13.77 -3.61 13.33
C GLU A 36 -15.21 -4.07 13.48
N LYS A 37 -16.12 -3.30 12.87
CA LYS A 37 -17.55 -3.60 12.93
C LYS A 37 -17.94 -4.96 12.38
N PHE A 38 -17.08 -5.58 11.57
CA PHE A 38 -17.41 -6.90 11.01
C PHE A 38 -16.99 -8.06 11.90
N TYR A 39 -16.16 -7.79 12.92
CA TYR A 39 -15.70 -8.88 13.81
C TYR A 39 -16.75 -9.23 14.86
N THR A 40 -17.83 -9.84 14.39
CA THR A 40 -18.96 -10.21 15.25
C THR A 40 -19.44 -11.64 15.07
N ALA A 41 -20.14 -12.14 16.10
CA ALA A 41 -20.68 -13.47 16.04
C ALA A 41 -21.70 -13.55 14.91
N GLU A 42 -22.46 -12.47 14.70
N GLU A 42 -22.48 -12.49 14.69
CA GLU A 42 -23.46 -12.46 13.63
CA GLU A 42 -23.48 -12.51 13.62
C GLU A 42 -22.80 -12.61 12.25
C GLU A 42 -22.81 -12.63 12.25
N THR A 43 -21.67 -11.95 12.07
CA THR A 43 -20.96 -12.04 10.80
C THR A 43 -20.50 -13.47 10.53
N VAL A 44 -20.00 -14.16 11.57
CA VAL A 44 -19.54 -15.53 11.38
C VAL A 44 -20.75 -16.43 11.02
N ALA A 45 -21.86 -16.26 11.73
CA ALA A 45 -23.07 -17.03 11.48
C ALA A 45 -23.56 -16.81 10.03
N LYS A 46 -23.56 -15.55 9.60
CA LYS A 46 -24.01 -15.23 8.25
C LYS A 46 -23.05 -15.74 7.18
N ALA A 47 -21.74 -15.78 7.46
CA ALA A 47 -20.85 -16.31 6.43
C ALA A 47 -21.28 -17.75 6.14
N LYS A 48 -21.67 -18.48 7.17
CA LYS A 48 -22.12 -19.87 7.01
C LYS A 48 -23.49 -19.97 6.32
N THR A 49 -24.49 -19.20 6.76
CA THR A 49 -25.80 -19.32 6.11
C THR A 49 -25.92 -18.66 4.75
N GLU A 50 -25.21 -17.56 4.55
CA GLU A 50 -25.29 -16.84 3.28
C GLU A 50 -24.41 -17.37 2.18
N PHE A 51 -23.19 -17.79 2.55
CA PHE A 51 -22.23 -18.29 1.58
C PHE A 51 -21.85 -19.73 1.72
N ASN A 52 -22.36 -20.44 2.74
CA ASN A 52 -21.99 -21.86 2.96
C ASN A 52 -20.50 -21.92 3.33
N ALA A 53 -19.98 -20.84 3.90
CA ALA A 53 -18.57 -20.84 4.29
C ALA A 53 -18.30 -21.89 5.38
N THR A 54 -17.15 -22.55 5.25
CA THR A 54 -16.73 -23.58 6.23
C THR A 54 -15.55 -23.07 7.05
N LEU A 55 -15.10 -21.86 6.77
CA LEU A 55 -13.99 -21.24 7.52
C LEU A 55 -14.14 -19.74 7.44
N ILE A 56 -13.42 -19.04 8.32
CA ILE A 56 -13.39 -17.57 8.33
C ILE A 56 -11.99 -17.22 8.81
N ARG A 57 -11.38 -16.22 8.17
CA ARG A 57 -10.03 -15.78 8.55
C ARG A 57 -10.12 -14.45 9.31
N ALA A 58 -9.47 -14.39 10.47
CA ALA A 58 -9.43 -13.18 11.32
C ALA A 58 -8.05 -12.55 11.07
N ALA A 59 -8.03 -11.41 10.37
CA ALA A 59 -6.78 -10.69 10.01
C ALA A 59 -6.43 -9.70 11.09
N ILE A 60 -5.73 -10.21 12.11
CA ILE A 60 -5.37 -9.38 13.27
C ILE A 60 -4.15 -8.56 12.92
N GLY A 61 -4.37 -7.27 12.72
CA GLY A 61 -3.28 -6.39 12.34
C GLY A 61 -2.09 -6.27 13.25
N HIS A 62 -0.92 -6.31 12.61
CA HIS A 62 0.34 -6.18 13.33
C HIS A 62 1.24 -5.22 12.60
N GLY A 63 2.02 -4.46 13.37
CA GLY A 63 2.96 -3.52 12.77
C GLY A 63 3.40 -2.47 13.75
N THR A 64 4.71 -2.32 13.94
CA THR A 64 5.28 -1.33 14.87
C THR A 64 4.96 0.11 14.49
N SER A 65 4.71 0.32 13.20
CA SER A 65 4.37 1.61 12.65
C SER A 65 3.10 1.51 11.79
N THR A 66 2.24 0.55 12.14
CA THR A 66 0.98 0.34 11.42
C THR A 66 -0.08 0.78 12.43
N GLY A 67 -0.72 1.90 12.13
CA GLY A 67 -1.72 2.43 13.04
C GLY A 67 -2.85 1.51 13.45
N GLY A 68 -3.22 1.53 14.74
CA GLY A 68 -4.31 0.70 15.20
C GLY A 68 -4.08 -0.79 15.30
N SER A 69 -2.86 -1.21 15.07
CA SER A 69 -2.50 -2.62 15.12
C SER A 69 -2.34 -3.14 16.53
N LEU A 70 -1.97 -4.40 16.67
CA LEU A 70 -1.76 -4.99 18.00
C LEU A 70 -0.71 -4.18 18.78
N ASN A 71 0.19 -3.51 18.07
CA ASN A 71 1.23 -2.71 18.71
C ASN A 71 0.71 -1.45 19.36
N PHE A 72 -0.46 -0.98 18.92
CA PHE A 72 -1.07 0.24 19.46
C PHE A 72 -2.32 0.00 20.30
N ASP A 73 -3.06 -1.05 19.97
CA ASP A 73 -4.28 -1.37 20.69
C ASP A 73 -4.36 -2.89 20.82
N TRP A 74 -3.65 -3.43 21.80
CA TRP A 74 -3.65 -4.86 22.01
C TRP A 74 -5.03 -5.41 22.38
N GLU A 75 -5.64 -4.85 23.42
N GLU A 75 -5.64 -4.83 23.40
CA GLU A 75 -6.94 -5.31 23.85
CA GLU A 75 -6.95 -5.27 23.86
C GLU A 75 -8.04 -5.23 22.82
C GLU A 75 -8.05 -5.22 22.84
N GLY A 76 -8.10 -4.13 22.08
CA GLY A 76 -9.15 -3.99 21.05
C GLY A 76 -9.05 -5.05 19.96
N ASN A 77 -7.84 -5.24 19.44
CA ASN A 77 -7.64 -6.24 18.40
C ASN A 77 -7.85 -7.65 18.93
N MET A 78 -7.36 -7.94 20.14
N MET A 78 -7.39 -7.91 20.16
CA MET A 78 -7.53 -9.28 20.71
CA MET A 78 -7.55 -9.23 20.75
C MET A 78 -9.00 -9.57 21.01
C MET A 78 -9.01 -9.57 21.07
N SER A 79 -9.74 -8.57 21.46
N SER A 79 -9.79 -8.58 21.45
CA SER A 79 -11.15 -8.78 21.76
CA SER A 79 -11.20 -8.83 21.76
C SER A 79 -11.92 -9.15 20.47
C SER A 79 -11.94 -9.16 20.46
N ARG A 80 -11.58 -8.48 19.37
CA ARG A 80 -12.23 -8.75 18.08
C ARG A 80 -11.89 -10.19 17.65
N LEU A 81 -10.62 -10.58 17.83
CA LEU A 81 -10.24 -11.94 17.47
C LEU A 81 -11.07 -12.94 18.31
N ASP A 82 -11.16 -12.70 19.62
CA ASP A 82 -11.90 -13.57 20.53
C ASP A 82 -13.34 -13.77 20.09
N THR A 83 -13.98 -12.68 19.72
CA THR A 83 -15.37 -12.77 19.27
C THR A 83 -15.52 -13.68 18.06
N VAL A 84 -14.62 -13.53 17.10
CA VAL A 84 -14.68 -14.34 15.89
C VAL A 84 -14.34 -15.81 16.13
N VAL A 85 -13.30 -16.05 16.94
CA VAL A 85 -12.91 -17.42 17.23
C VAL A 85 -14.02 -18.21 17.94
N ASN A 86 -14.61 -17.61 18.97
CA ASN A 86 -15.67 -18.32 19.67
C ASN A 86 -16.87 -18.61 18.80
N ALA A 87 -17.24 -17.64 17.94
CA ALA A 87 -18.38 -17.83 17.06
C ALA A 87 -18.05 -18.94 16.06
N ALA A 88 -16.82 -19.00 15.56
CA ALA A 88 -16.47 -20.04 14.60
C ALA A 88 -16.64 -21.42 15.27
N ILE A 89 -16.20 -21.53 16.52
CA ILE A 89 -16.37 -22.82 17.21
C ILE A 89 -17.86 -23.15 17.36
N ALA A 90 -18.65 -22.15 17.75
CA ALA A 90 -20.08 -22.34 17.92
C ALA A 90 -20.79 -22.71 16.62
N GLU A 91 -20.24 -22.29 15.48
CA GLU A 91 -20.83 -22.58 14.18
C GLU A 91 -20.18 -23.76 13.42
N ASP A 92 -19.30 -24.47 14.08
CA ASP A 92 -18.60 -25.61 13.48
C ASP A 92 -17.84 -25.19 12.22
N MET A 93 -17.09 -24.10 12.35
CA MET A 93 -16.31 -23.58 11.24
C MET A 93 -14.84 -23.48 11.65
N TYR A 94 -13.95 -23.60 10.69
CA TYR A 94 -12.53 -23.44 11.00
C TYR A 94 -12.31 -21.92 11.10
N VAL A 95 -11.33 -21.53 11.89
CA VAL A 95 -10.97 -20.13 12.04
C VAL A 95 -9.46 -20.00 11.87
N ILE A 96 -9.07 -19.19 10.88
CA ILE A 96 -7.65 -18.94 10.60
C ILE A 96 -7.26 -17.72 11.44
N ILE A 97 -6.39 -17.94 12.42
CA ILE A 97 -5.94 -16.85 13.27
C ILE A 97 -4.68 -16.32 12.59
N ASP A 98 -4.85 -15.20 11.89
CA ASP A 98 -3.83 -14.56 11.12
C ASP A 98 -3.13 -13.37 11.76
N PHE A 99 -1.82 -13.53 11.99
CA PHE A 99 -0.98 -12.44 12.56
C PHE A 99 -0.72 -11.68 11.23
N HIS A 100 -1.58 -10.69 11.01
CA HIS A 100 -1.56 -9.92 9.76
C HIS A 100 -0.47 -8.91 9.70
N SER A 101 0.67 -9.45 9.30
CA SER A 101 1.89 -8.67 9.25
C SER A 101 2.73 -8.78 8.01
N HIS A 102 3.53 -7.71 7.82
CA HIS A 102 4.50 -7.61 6.72
C HIS A 102 5.87 -7.46 7.40
N GLU A 103 5.93 -7.68 8.72
CA GLU A 103 7.20 -7.51 9.46
C GLU A 103 7.26 -8.36 10.71
N ALA A 104 6.67 -9.55 10.68
CA ALA A 104 6.68 -10.40 11.86
C ALA A 104 8.05 -10.79 12.31
N HIS A 105 8.94 -11.09 11.36
CA HIS A 105 10.28 -11.50 11.73
C HIS A 105 11.06 -10.44 12.46
N THR A 106 10.69 -9.17 12.29
CA THR A 106 11.41 -8.08 12.97
C THR A 106 10.76 -7.62 14.28
N ASP A 107 9.68 -8.28 14.69
CA ASP A 107 9.01 -7.91 15.95
C ASP A 107 8.58 -9.24 16.55
N GLN A 108 9.57 -10.11 16.77
CA GLN A 108 9.29 -11.43 17.31
C GLN A 108 8.67 -11.53 18.68
N ALA A 109 9.01 -10.57 19.55
CA ALA A 109 8.45 -10.61 20.88
C ALA A 109 6.93 -10.49 20.85
N THR A 110 6.43 -9.63 19.97
CA THR A 110 4.99 -9.45 19.85
C THR A 110 4.36 -10.72 19.26
N ALA A 111 4.98 -11.31 18.24
CA ALA A 111 4.48 -12.52 17.60
C ALA A 111 4.39 -13.66 18.63
N VAL A 112 5.44 -13.79 19.45
CA VAL A 112 5.44 -14.83 20.46
C VAL A 112 4.36 -14.59 21.51
N ARG A 113 4.19 -13.33 21.95
CA ARG A 113 3.17 -13.01 22.94
C ARG A 113 1.79 -13.37 22.37
N PHE A 114 1.56 -12.94 21.14
CA PHE A 114 0.29 -13.20 20.47
C PHE A 114 -0.01 -14.69 20.35
N PHE A 115 0.94 -15.46 19.81
CA PHE A 115 0.72 -16.88 19.62
C PHE A 115 0.61 -17.72 20.88
N GLU A 116 1.33 -17.30 21.92
CA GLU A 116 1.23 -18.07 23.17
C GLU A 116 -0.15 -17.80 23.77
N ASP A 117 -0.63 -16.56 23.63
CA ASP A 117 -1.93 -16.21 24.17
C ASP A 117 -3.04 -16.95 23.43
N VAL A 118 -2.97 -16.97 22.10
CA VAL A 118 -4.02 -17.65 21.36
C VAL A 118 -3.97 -19.17 21.53
N ALA A 119 -2.76 -19.73 21.59
CA ALA A 119 -2.63 -21.19 21.76
C ALA A 119 -3.19 -21.59 23.14
N THR A 120 -2.94 -20.76 24.14
CA THR A 120 -3.43 -21.06 25.48
C THR A 120 -4.95 -20.98 25.55
N LYS A 121 -5.50 -19.93 24.96
CA LYS A 121 -6.96 -19.78 25.00
C LYS A 121 -7.76 -20.65 24.07
N TYR A 122 -7.22 -20.93 22.89
CA TYR A 122 -8.00 -21.72 21.94
C TYR A 122 -7.39 -22.99 21.36
N GLY A 123 -6.17 -23.29 21.75
CA GLY A 123 -5.53 -24.49 21.21
C GLY A 123 -6.25 -25.82 21.32
N GLN A 124 -7.15 -25.96 22.29
CA GLN A 124 -7.87 -27.21 22.44
C GLN A 124 -8.86 -27.51 21.31
N TYR A 125 -9.19 -26.47 20.55
CA TYR A 125 -10.14 -26.65 19.44
C TYR A 125 -9.53 -26.97 18.10
N ASP A 126 -10.05 -28.01 17.46
CA ASP A 126 -9.55 -28.41 16.15
C ASP A 126 -9.91 -27.42 15.06
N ASN A 127 -10.79 -26.48 15.39
CA ASN A 127 -11.19 -25.45 14.43
C ASN A 127 -10.08 -24.44 14.17
N VAL A 128 -9.14 -24.33 15.10
CA VAL A 128 -8.07 -23.36 14.97
C VAL A 128 -6.92 -23.66 14.06
N ILE A 129 -6.65 -22.75 13.13
CA ILE A 129 -5.54 -22.87 12.19
C ILE A 129 -4.70 -21.63 12.47
N TYR A 130 -3.40 -21.78 12.71
CA TYR A 130 -2.54 -20.63 12.99
C TYR A 130 -1.82 -20.17 11.74
N GLU A 131 -1.87 -18.87 11.43
CA GLU A 131 -1.19 -18.28 10.25
C GLU A 131 -0.29 -17.28 10.93
N ILE A 132 0.98 -17.69 11.01
CA ILE A 132 1.99 -16.91 11.70
C ILE A 132 2.67 -15.70 11.10
N TYR A 133 2.49 -15.47 9.80
CA TYR A 133 3.13 -14.34 9.13
C TYR A 133 2.43 -14.15 7.80
N ASN A 134 1.40 -13.32 7.81
CA ASN A 134 0.61 -13.05 6.61
C ASN A 134 1.38 -12.94 5.31
N GLU A 135 2.12 -11.84 5.18
CA GLU A 135 2.86 -11.60 3.99
C GLU A 135 4.23 -11.00 4.09
N PRO A 136 5.24 -11.89 4.11
CA PRO A 136 6.64 -11.46 4.13
C PRO A 136 6.80 -10.69 2.79
N LEU A 137 7.74 -9.75 2.77
CA LEU A 137 8.01 -8.95 1.58
C LEU A 137 9.25 -9.50 0.86
N GLN A 138 10.17 -8.61 0.48
CA GLN A 138 11.40 -9.01 -0.23
C GLN A 138 12.45 -9.49 0.75
N ILE A 139 12.16 -10.61 1.42
CA ILE A 139 13.09 -11.17 2.39
C ILE A 139 13.47 -12.61 2.08
N SER A 140 14.42 -13.14 2.81
CA SER A 140 14.86 -14.50 2.54
C SER A 140 14.12 -15.60 3.24
N TRP A 141 13.72 -16.63 2.48
CA TRP A 141 13.04 -17.75 3.10
C TRP A 141 13.98 -18.46 4.09
N VAL A 142 15.17 -18.86 3.62
N VAL A 142 15.16 -18.83 3.62
CA VAL A 142 16.10 -19.54 4.52
CA VAL A 142 16.14 -19.52 4.45
C VAL A 142 16.70 -18.74 5.65
C VAL A 142 16.72 -18.74 5.62
N ASN A 143 17.06 -17.49 5.38
CA ASN A 143 17.65 -16.65 6.40
C ASN A 143 16.77 -15.85 7.29
N ASP A 144 15.57 -15.52 6.83
CA ASP A 144 14.66 -14.71 7.63
C ASP A 144 13.35 -15.36 8.04
N ILE A 145 12.60 -15.85 7.08
CA ILE A 145 11.31 -16.45 7.44
C ILE A 145 11.39 -17.78 8.16
N LYS A 146 12.19 -18.71 7.64
CA LYS A 146 12.30 -20.01 8.26
C LYS A 146 12.72 -19.98 9.76
N PRO A 147 13.81 -19.23 10.11
CA PRO A 147 14.18 -19.21 11.54
C PRO A 147 13.06 -18.64 12.43
N TYR A 148 12.36 -17.62 11.92
CA TYR A 148 11.26 -17.01 12.65
C TYR A 148 10.15 -18.04 12.84
N ALA A 149 9.85 -18.74 11.74
CA ALA A 149 8.80 -19.73 11.76
C ALA A 149 9.05 -20.84 12.74
N GLU A 150 10.29 -21.34 12.74
CA GLU A 150 10.62 -22.43 13.67
C GLU A 150 10.44 -21.96 15.09
N THR A 151 10.87 -20.74 15.37
CA THR A 151 10.72 -20.21 16.72
C THR A 151 9.24 -20.13 17.13
N VAL A 152 8.41 -19.54 16.27
CA VAL A 152 6.99 -19.42 16.60
C VAL A 152 6.26 -20.74 16.65
N ILE A 153 6.55 -21.63 15.69
CA ILE A 153 5.90 -22.94 15.69
C ILE A 153 6.21 -23.64 17.03
N ASP A 154 7.47 -23.52 17.48
CA ASP A 154 7.82 -24.20 18.73
C ASP A 154 7.15 -23.59 19.93
N LYS A 155 6.95 -22.27 19.91
CA LYS A 155 6.26 -21.63 21.05
C LYS A 155 4.78 -22.09 21.05
N ILE A 156 4.16 -22.15 19.88
CA ILE A 156 2.77 -22.59 19.81
C ILE A 156 2.62 -24.06 20.26
N ARG A 157 3.49 -24.90 19.69
CA ARG A 157 3.48 -26.34 19.96
C ARG A 157 3.74 -26.81 21.37
N ALA A 158 4.37 -25.97 22.18
CA ALA A 158 4.66 -26.31 23.56
C ALA A 158 3.37 -26.16 24.37
N ILE A 159 2.37 -25.49 23.80
CA ILE A 159 1.08 -25.25 24.46
C ILE A 159 -0.02 -26.06 23.82
N ASP A 160 -0.10 -25.96 22.50
CA ASP A 160 -1.10 -26.67 21.70
C ASP A 160 -0.31 -27.54 20.71
N PRO A 161 -0.19 -28.83 21.00
CA PRO A 161 0.57 -29.71 20.12
C PRO A 161 -0.05 -30.14 18.81
N ASP A 162 -1.38 -30.03 18.71
CA ASP A 162 -2.08 -30.45 17.52
C ASP A 162 -2.79 -29.35 16.80
N ASN A 163 -2.31 -29.11 15.59
CA ASN A 163 -2.88 -28.07 14.75
C ASN A 163 -2.11 -27.93 13.47
N LEU A 164 -2.77 -27.25 12.54
CA LEU A 164 -2.17 -26.94 11.27
C LEU A 164 -1.64 -25.50 11.45
N ILE A 165 -0.39 -25.30 11.05
CA ILE A 165 0.24 -23.98 11.10
C ILE A 165 0.62 -23.65 9.64
N VAL A 166 0.20 -22.48 9.16
CA VAL A 166 0.47 -22.00 7.80
C VAL A 166 1.52 -20.90 7.90
N VAL A 167 2.58 -21.06 7.11
CA VAL A 167 3.71 -20.14 7.10
C VAL A 167 3.86 -19.31 5.83
N GLY A 168 3.92 -17.99 6.01
CA GLY A 168 4.07 -17.05 4.90
C GLY A 168 5.34 -17.31 4.11
N THR A 169 5.32 -16.89 2.83
CA THR A 169 6.46 -17.10 1.96
C THR A 169 6.88 -15.76 1.37
N PRO A 170 8.07 -15.70 0.76
CA PRO A 170 8.50 -14.40 0.25
C PRO A 170 7.69 -13.78 -0.85
N THR A 171 7.83 -12.45 -0.98
CA THR A 171 7.17 -11.66 -2.03
C THR A 171 5.67 -11.76 -1.97
N TRP A 172 5.11 -11.22 -0.90
CA TRP A 172 3.67 -11.24 -0.64
C TRP A 172 3.12 -12.67 -0.72
N SER A 173 3.86 -13.61 -0.15
CA SER A 173 3.43 -15.01 -0.15
C SER A 173 3.19 -15.60 -1.53
N GLN A 174 4.13 -15.31 -2.43
CA GLN A 174 4.07 -15.85 -3.80
C GLN A 174 5.12 -16.93 -3.99
N ASP A 175 6.25 -16.77 -3.30
CA ASP A 175 7.36 -17.69 -3.45
C ASP A 175 7.36 -19.00 -2.72
N VAL A 176 6.25 -19.72 -2.90
CA VAL A 176 6.09 -21.04 -2.30
C VAL A 176 7.12 -22.01 -2.93
N ASP A 177 7.50 -21.74 -4.20
CA ASP A 177 8.49 -22.56 -4.89
C ASP A 177 9.83 -22.45 -4.11
N VAL A 178 10.19 -21.24 -3.69
CA VAL A 178 11.45 -21.07 -2.94
C VAL A 178 11.36 -21.78 -1.60
N ALA A 179 10.25 -21.59 -0.88
CA ALA A 179 10.10 -22.24 0.40
C ALA A 179 10.16 -23.77 0.27
N SER A 180 9.60 -24.31 -0.81
CA SER A 180 9.60 -25.75 -1.00
C SER A 180 10.98 -26.40 -1.12
N GLN A 181 11.99 -25.60 -1.44
CA GLN A 181 13.35 -26.12 -1.58
C GLN A 181 14.02 -26.36 -0.21
N ASN A 182 13.51 -25.72 0.85
CA ASN A 182 14.07 -25.86 2.20
C ASN A 182 12.90 -25.84 3.18
N PRO A 183 12.09 -26.91 3.17
CA PRO A 183 10.93 -26.98 4.05
C PRO A 183 11.29 -27.09 5.51
N ILE A 184 10.29 -26.83 6.34
CA ILE A 184 10.43 -26.88 7.79
C ILE A 184 10.17 -28.30 8.30
N ASP A 185 11.06 -28.81 9.13
CA ASP A 185 10.88 -30.14 9.70
C ASP A 185 10.05 -30.11 10.99
N ARG A 186 8.75 -29.89 10.81
CA ARG A 186 7.81 -29.85 11.94
C ARG A 186 6.57 -30.50 11.35
N ALA A 187 5.74 -31.12 12.18
CA ALA A 187 4.56 -31.73 11.63
C ALA A 187 3.47 -30.73 11.28
N ASN A 188 2.62 -31.15 10.35
CA ASN A 188 1.48 -30.34 9.97
C ASN A 188 1.71 -28.87 9.68
N ILE A 189 2.64 -28.60 8.77
CA ILE A 189 2.96 -27.25 8.36
C ILE A 189 2.58 -27.11 6.89
N ALA A 190 1.86 -26.04 6.56
CA ALA A 190 1.48 -25.76 5.19
C ALA A 190 2.09 -24.38 4.91
N TYR A 191 2.15 -23.99 3.65
CA TYR A 191 2.76 -22.73 3.25
C TYR A 191 1.78 -21.85 2.52
N THR A 192 1.88 -20.57 2.79
CA THR A 192 0.98 -19.58 2.22
C THR A 192 1.15 -19.20 0.79
N LEU A 193 0.03 -19.19 0.07
CA LEU A 193 0.00 -18.79 -1.33
C LEU A 193 -1.07 -17.69 -1.46
N HIS A 194 -0.66 -16.52 -1.93
CA HIS A 194 -1.61 -15.39 -2.12
C HIS A 194 -1.57 -14.91 -3.56
N PHE A 195 -2.74 -14.57 -4.11
CA PHE A 195 -2.78 -14.07 -5.49
C PHE A 195 -4.03 -13.25 -5.68
N TYR A 196 -4.00 -12.43 -6.74
CA TYR A 196 -5.12 -11.58 -7.14
C TYR A 196 -5.32 -11.92 -8.61
N ALA A 197 -6.55 -12.33 -8.95
CA ALA A 197 -6.88 -12.73 -10.32
C ALA A 197 -6.65 -11.71 -11.40
N GLY A 198 -6.71 -10.43 -11.07
CA GLY A 198 -6.49 -9.42 -12.10
C GLY A 198 -5.04 -9.13 -12.35
N THR A 199 -4.16 -9.74 -11.56
CA THR A 199 -2.72 -9.51 -11.69
C THR A 199 -1.84 -10.74 -11.88
N HIS A 200 -2.18 -11.82 -11.19
CA HIS A 200 -1.43 -13.07 -11.21
C HIS A 200 -2.13 -14.15 -11.99
N GLY A 201 -1.39 -14.74 -12.92
CA GLY A 201 -1.93 -15.78 -13.78
C GLY A 201 -1.22 -17.11 -13.76
N GLN A 202 -1.10 -17.73 -14.93
CA GLN A 202 -0.47 -19.03 -14.99
C GLN A 202 0.94 -19.13 -14.45
N SER A 203 1.75 -18.09 -14.61
CA SER A 203 3.11 -18.16 -14.10
C SER A 203 3.14 -18.33 -12.57
N TYR A 204 2.18 -17.74 -11.89
CA TYR A 204 2.08 -17.84 -10.44
C TYR A 204 1.54 -19.20 -10.06
N ARG A 205 0.63 -19.78 -10.86
CA ARG A 205 0.13 -21.10 -10.56
C ARG A 205 1.32 -22.06 -10.79
N ASN A 206 2.22 -21.75 -11.75
CA ASN A 206 3.36 -22.63 -12.01
C ASN A 206 4.31 -22.64 -10.81
N LYS A 207 4.44 -21.50 -10.13
CA LYS A 207 5.32 -21.45 -8.95
C LYS A 207 4.69 -22.36 -7.87
N ALA A 208 3.36 -22.27 -7.72
CA ALA A 208 2.66 -23.10 -6.75
C ALA A 208 2.81 -24.58 -7.18
N GLN A 209 2.72 -24.86 -8.50
CA GLN A 209 2.88 -26.24 -8.98
C GLN A 209 4.29 -26.77 -8.59
N THR A 210 5.31 -25.93 -8.72
CA THR A 210 6.66 -26.33 -8.36
C THR A 210 6.72 -26.71 -6.90
N ALA A 211 6.05 -25.91 -6.07
CA ALA A 211 6.02 -26.19 -4.62
C ALA A 211 5.32 -27.51 -4.32
N LEU A 212 4.13 -27.69 -4.88
CA LEU A 212 3.39 -28.94 -4.66
C LEU A 212 4.21 -30.14 -5.13
N ASP A 213 4.86 -30.02 -6.30
CA ASP A 213 5.65 -31.11 -6.84
C ASP A 213 6.87 -31.38 -5.96
N ASN A 214 7.34 -30.35 -5.27
CA ASN A 214 8.50 -30.52 -4.37
C ASN A 214 8.11 -31.16 -3.05
N GLY A 215 6.81 -31.34 -2.79
CA GLY A 215 6.41 -31.99 -1.55
C GLY A 215 5.75 -31.17 -0.48
N ILE A 216 5.48 -29.89 -0.69
CA ILE A 216 4.85 -29.10 0.37
C ILE A 216 3.39 -28.78 0.10
N ALA A 217 2.61 -28.71 1.17
CA ALA A 217 1.17 -28.40 1.10
C ALA A 217 1.02 -26.89 1.14
N LEU A 218 0.03 -26.40 0.40
CA LEU A 218 -0.25 -24.95 0.33
C LEU A 218 -1.64 -24.62 0.85
N PHE A 219 -1.81 -23.40 1.34
CA PHE A 219 -3.11 -22.93 1.84
C PHE A 219 -3.18 -21.51 1.30
N ALA A 220 -4.22 -21.22 0.51
CA ALA A 220 -4.34 -19.88 -0.08
C ALA A 220 -5.16 -19.03 0.89
N THR A 221 -4.48 -18.58 1.94
CA THR A 221 -5.15 -17.81 2.97
C THR A 221 -5.67 -16.44 2.58
N GLU A 222 -5.28 -15.94 1.41
CA GLU A 222 -5.76 -14.64 0.98
C GLU A 222 -5.69 -14.53 -0.52
N TRP A 223 -6.81 -14.21 -1.15
CA TRP A 223 -6.79 -14.07 -2.61
C TRP A 223 -7.92 -13.14 -3.01
N GLY A 224 -7.73 -12.47 -4.16
CA GLY A 224 -8.74 -11.55 -4.66
C GLY A 224 -9.15 -11.86 -6.08
N THR A 225 -10.34 -11.39 -6.44
CA THR A 225 -10.90 -11.57 -7.79
C THR A 225 -10.52 -10.41 -8.71
N VAL A 226 -10.02 -9.32 -8.14
CA VAL A 226 -9.64 -8.12 -8.87
C VAL A 226 -8.12 -7.91 -8.91
N ASN A 227 -7.64 -6.70 -9.15
CA ASN A 227 -6.19 -6.43 -9.19
C ASN A 227 -5.57 -6.52 -7.81
N ALA A 228 -4.26 -6.81 -7.77
CA ALA A 228 -3.45 -6.98 -6.55
C ALA A 228 -3.53 -5.94 -5.43
N ASP A 229 -3.73 -4.70 -5.82
CA ASP A 229 -3.83 -3.60 -4.88
C ASP A 229 -5.17 -3.54 -4.14
N GLY A 230 -6.10 -4.42 -4.53
CA GLY A 230 -7.40 -4.48 -3.88
C GLY A 230 -8.54 -3.81 -4.64
N ASN A 231 -8.25 -3.18 -5.77
CA ASN A 231 -9.29 -2.52 -6.57
C ASN A 231 -9.40 -3.07 -7.99
N GLY A 232 -10.34 -2.53 -8.78
CA GLY A 232 -10.52 -2.98 -10.15
C GLY A 232 -11.74 -3.88 -10.43
N GLY A 233 -11.85 -4.35 -11.68
CA GLY A 233 -12.95 -5.21 -12.07
C GLY A 233 -12.62 -6.68 -11.83
N VAL A 234 -13.64 -7.50 -11.72
CA VAL A 234 -13.44 -8.93 -11.49
C VAL A 234 -12.95 -9.62 -12.74
N ASN A 235 -11.90 -10.41 -12.62
CA ASN A 235 -11.39 -11.13 -13.78
C ASN A 235 -11.97 -12.52 -13.60
N ILE A 236 -13.10 -12.75 -14.26
CA ILE A 236 -13.81 -14.02 -14.16
C ILE A 236 -13.04 -15.23 -14.61
N ASN A 237 -12.51 -15.19 -15.82
CA ASN A 237 -11.76 -16.33 -16.30
C ASN A 237 -10.54 -16.67 -15.48
N GLU A 238 -9.80 -15.67 -15.05
CA GLU A 238 -8.60 -15.96 -14.25
C GLU A 238 -9.01 -16.51 -12.88
N THR A 239 -10.07 -15.93 -12.31
CA THR A 239 -10.53 -16.43 -11.01
C THR A 239 -10.91 -17.90 -11.17
N ASP A 240 -11.64 -18.24 -12.23
CA ASP A 240 -12.04 -19.63 -12.47
C ASP A 240 -10.79 -20.53 -12.64
N ALA A 241 -9.75 -20.06 -13.35
CA ALA A 241 -8.53 -20.88 -13.54
C ALA A 241 -7.89 -21.19 -12.18
N TRP A 242 -7.86 -20.18 -11.30
CA TRP A 242 -7.29 -20.38 -9.97
C TRP A 242 -8.18 -21.31 -9.14
N MET A 243 -9.51 -21.13 -9.19
CA MET A 243 -10.38 -22.02 -8.40
C MET A 243 -10.27 -23.46 -8.87
N ALA A 244 -10.08 -23.67 -10.17
CA ALA A 244 -9.93 -25.06 -10.67
C ALA A 244 -8.60 -25.63 -10.14
N PHE A 245 -7.55 -24.81 -10.15
CA PHE A 245 -6.26 -25.25 -9.64
C PHE A 245 -6.41 -25.64 -8.15
N PHE A 246 -7.18 -24.85 -7.40
CA PHE A 246 -7.38 -25.15 -5.98
C PHE A 246 -8.28 -26.36 -5.77
N LYS A 247 -9.36 -26.47 -6.54
CA LYS A 247 -10.25 -27.62 -6.36
C LYS A 247 -9.58 -28.95 -6.66
N THR A 248 -8.82 -28.99 -7.75
CA THR A 248 -8.15 -30.20 -8.17
C THR A 248 -7.04 -30.60 -7.24
N ASN A 249 -6.41 -29.64 -6.58
CA ASN A 249 -5.33 -29.96 -5.65
C ASN A 249 -5.76 -29.90 -4.18
N ASN A 250 -7.05 -29.68 -3.95
N ASN A 250 -7.05 -29.75 -3.90
CA ASN A 250 -7.64 -29.57 -2.62
CA ASN A 250 -7.51 -29.67 -2.51
C ASN A 250 -6.97 -28.50 -1.75
C ASN A 250 -6.85 -28.52 -1.73
N ILE A 251 -6.76 -27.33 -2.36
CA ILE A 251 -6.16 -26.19 -1.68
C ILE A 251 -7.31 -25.33 -1.13
N SER A 252 -7.32 -25.17 0.19
CA SER A 252 -8.32 -24.35 0.89
C SER A 252 -8.00 -22.89 0.64
N HIS A 253 -9.00 -22.02 0.83
CA HIS A 253 -8.76 -20.62 0.55
C HIS A 253 -9.72 -19.67 1.24
N ALA A 254 -9.26 -18.43 1.41
CA ALA A 254 -10.05 -17.35 2.05
C ALA A 254 -9.93 -16.12 1.17
N ASN A 255 -11.09 -15.60 0.78
CA ASN A 255 -11.15 -14.43 -0.09
C ASN A 255 -11.04 -13.09 0.62
N TRP A 256 -10.26 -12.18 0.04
CA TRP A 256 -10.09 -10.84 0.61
C TRP A 256 -11.08 -9.93 -0.16
N ALA A 257 -12.01 -9.23 0.47
CA ALA A 257 -12.24 -9.21 1.92
C ALA A 257 -13.69 -8.94 2.29
N LEU A 258 -14.07 -9.47 3.46
CA LEU A 258 -15.43 -9.28 4.05
C LEU A 258 -15.20 -7.88 4.66
N ASN A 259 -15.72 -6.86 3.99
CA ASN A 259 -15.54 -5.44 4.35
C ASN A 259 -16.45 -4.62 3.42
N ASP A 260 -16.54 -3.32 3.68
CA ASP A 260 -17.36 -2.40 2.88
C ASP A 260 -16.61 -1.17 2.37
N LYS A 261 -15.28 -1.23 2.39
CA LYS A 261 -14.49 -0.12 1.87
C LYS A 261 -14.84 -0.01 0.38
N ASN A 262 -14.84 1.21 -0.17
CA ASN A 262 -15.16 1.37 -1.59
C ASN A 262 -13.97 0.98 -2.47
N GLU A 263 -13.81 -0.32 -2.66
CA GLU A 263 -12.73 -0.87 -3.48
C GLU A 263 -13.27 -2.18 -4.03
N GLY A 264 -12.76 -2.59 -5.18
CA GLY A 264 -13.21 -3.82 -5.79
C GLY A 264 -13.16 -5.10 -4.98
N ALA A 265 -12.17 -5.20 -4.11
CA ALA A 265 -12.05 -6.42 -3.32
C ALA A 265 -13.10 -6.59 -2.23
N SER A 266 -13.78 -5.54 -1.82
CA SER A 266 -14.79 -5.71 -0.77
C SER A 266 -15.96 -6.56 -1.18
N LEU A 267 -16.44 -7.43 -0.31
CA LEU A 267 -17.62 -8.23 -0.67
C LEU A 267 -18.87 -7.37 -0.72
N PHE A 268 -18.92 -6.32 0.11
CA PHE A 268 -20.09 -5.45 0.22
C PHE A 268 -19.94 -4.05 -0.27
N THR A 269 -21.06 -3.45 -0.68
CA THR A 269 -21.06 -2.07 -1.13
C THR A 269 -20.84 -1.21 0.15
N PRO A 270 -20.44 0.05 0.00
CA PRO A 270 -20.21 0.93 1.17
C PRO A 270 -21.49 1.03 2.02
N GLY A 271 -21.37 0.77 3.31
CA GLY A 271 -22.54 0.83 4.18
C GLY A 271 -23.50 -0.33 3.85
N GLY A 272 -22.92 -1.39 3.27
CA GLY A 272 -23.67 -2.56 2.88
C GLY A 272 -23.25 -3.83 3.60
N SER A 273 -23.93 -4.92 3.27
CA SER A 273 -23.67 -6.23 3.88
C SER A 273 -24.13 -7.34 2.96
N TRP A 274 -24.53 -8.47 3.52
CA TRP A 274 -24.96 -9.66 2.75
C TRP A 274 -25.96 -9.49 1.64
N ASN A 275 -26.86 -8.53 1.81
CA ASN A 275 -27.89 -8.27 0.79
C ASN A 275 -27.51 -7.21 -0.21
N SER A 276 -26.27 -6.74 -0.17
CA SER A 276 -25.83 -5.70 -1.10
C SER A 276 -24.36 -5.98 -1.45
N LEU A 277 -24.18 -6.99 -2.29
CA LEU A 277 -22.86 -7.41 -2.73
C LEU A 277 -22.31 -6.69 -3.94
N THR A 278 -20.99 -6.53 -3.95
CA THR A 278 -20.33 -5.90 -5.09
C THR A 278 -20.18 -7.01 -6.15
N SER A 279 -19.62 -6.67 -7.30
CA SER A 279 -19.41 -7.68 -8.34
C SER A 279 -18.48 -8.77 -7.79
N SER A 280 -17.47 -8.37 -7.02
CA SER A 280 -16.57 -9.38 -6.43
C SER A 280 -17.35 -10.25 -5.44
N GLY A 281 -18.17 -9.60 -4.60
CA GLY A 281 -18.97 -10.33 -3.60
C GLY A 281 -19.84 -11.39 -4.26
N SER A 282 -20.46 -11.04 -5.40
CA SER A 282 -21.32 -11.99 -6.09
C SER A 282 -20.53 -13.17 -6.62
N LYS A 283 -19.35 -12.93 -7.17
CA LYS A 283 -18.52 -14.01 -7.71
C LYS A 283 -18.01 -14.92 -6.57
N VAL A 284 -17.56 -14.29 -5.49
CA VAL A 284 -17.04 -15.04 -4.34
C VAL A 284 -18.15 -15.89 -3.73
N LYS A 285 -19.35 -15.32 -3.61
CA LYS A 285 -20.47 -16.08 -3.06
C LYS A 285 -20.74 -17.33 -3.92
N GLU A 286 -20.69 -17.16 -5.24
CA GLU A 286 -20.91 -18.28 -6.14
C GLU A 286 -19.88 -19.40 -5.90
N ILE A 287 -18.62 -19.00 -5.76
CA ILE A 287 -17.55 -19.98 -5.53
C ILE A 287 -17.70 -20.71 -4.19
N ILE A 288 -17.89 -19.96 -3.10
CA ILE A 288 -18.02 -20.57 -1.80
C ILE A 288 -19.28 -21.40 -1.65
N GLN A 289 -20.38 -20.89 -2.19
CA GLN A 289 -21.61 -21.65 -2.07
C GLN A 289 -21.54 -23.01 -2.71
N GLY A 290 -20.78 -23.12 -3.80
CA GLY A 290 -20.67 -24.42 -4.46
C GLY A 290 -19.41 -25.20 -4.20
N TRP A 291 -18.62 -24.77 -3.24
CA TRP A 291 -17.37 -25.47 -2.95
C TRP A 291 -17.57 -26.86 -2.36
N GLY A 292 -18.55 -26.97 -1.47
CA GLY A 292 -18.86 -28.24 -0.82
C GLY A 292 -19.39 -28.07 0.60
N GLY A 293 -19.31 -26.86 1.15
CA GLY A 293 -19.80 -26.65 2.50
C GLY A 293 -21.31 -26.56 2.56
N ALA B 1 16.88 -0.43 -0.18
CA ALA B 1 16.04 0.47 0.68
C ALA B 1 16.52 1.91 0.60
N VAL B 2 15.64 2.84 0.97
CA VAL B 2 15.97 4.26 0.96
C VAL B 2 15.96 4.68 2.43
N GLU B 3 16.62 5.78 2.75
CA GLU B 3 16.66 6.28 4.12
C GLU B 3 15.35 6.97 4.50
N LYS B 4 14.94 6.80 5.74
CA LYS B 4 13.70 7.39 6.25
C LYS B 4 13.82 8.92 6.35
N LEU B 5 12.78 9.63 5.90
CA LEU B 5 12.74 11.10 5.95
C LEU B 5 12.03 11.66 7.17
N THR B 6 12.66 12.63 7.81
CA THR B 6 12.09 13.29 8.99
C THR B 6 12.38 14.79 8.86
N VAL B 7 11.71 15.59 9.68
CA VAL B 7 11.92 17.03 9.65
C VAL B 7 12.45 17.53 10.99
N SER B 8 13.50 18.35 10.94
CA SER B 8 14.14 18.94 12.12
C SER B 8 14.30 20.41 11.76
N GLY B 9 13.56 21.29 12.42
CA GLY B 9 13.69 22.71 12.09
C GLY B 9 13.29 22.92 10.63
N ASN B 10 14.09 23.67 9.87
CA ASN B 10 13.76 23.91 8.47
C ASN B 10 14.44 22.93 7.53
N GLN B 11 14.87 21.79 8.06
CA GLN B 11 15.54 20.77 7.27
C GLN B 11 14.87 19.42 7.24
N ILE B 12 14.90 18.78 6.07
CA ILE B 12 14.34 17.43 5.91
C ILE B 12 15.61 16.56 5.95
N LEU B 13 15.66 15.63 6.90
CA LEU B 13 16.82 14.73 7.06
C LEU B 13 16.50 13.36 6.49
N ALA B 14 17.51 12.68 5.94
CA ALA B 14 17.33 11.35 5.38
C ALA B 14 18.26 10.49 6.24
N GLY B 15 17.69 9.60 7.05
CA GLY B 15 18.56 8.79 7.88
C GLY B 15 19.32 9.66 8.87
N GLY B 16 18.70 10.78 9.27
CA GLY B 16 19.34 11.70 10.21
C GLY B 16 20.40 12.63 9.64
N GLU B 17 20.64 12.54 8.33
N GLU B 17 20.65 12.57 8.34
CA GLU B 17 21.65 13.39 7.68
CA GLU B 17 21.66 13.46 7.78
C GLU B 17 21.09 14.44 6.74
C GLU B 17 21.08 14.46 6.81
N ASN B 18 21.81 15.56 6.64
CA ASN B 18 21.42 16.65 5.76
C ASN B 18 21.79 16.24 4.33
N THR B 19 20.80 16.23 3.46
CA THR B 19 21.01 15.87 2.07
C THR B 19 19.75 16.25 1.32
N SER B 20 19.73 16.01 0.01
CA SER B 20 18.54 16.34 -0.78
C SER B 20 18.51 15.43 -1.98
N PHE B 21 17.34 15.39 -2.61
CA PHE B 21 17.10 14.53 -3.75
C PHE B 21 16.46 15.23 -4.93
N ALA B 22 16.69 14.68 -6.11
CA ALA B 22 16.14 15.24 -7.33
C ALA B 22 15.60 14.15 -8.25
N GLY B 23 14.52 14.49 -8.95
CA GLY B 23 13.93 13.53 -9.86
C GLY B 23 12.87 14.23 -10.68
N PRO B 24 12.22 13.50 -11.57
CA PRO B 24 11.17 14.08 -12.41
C PRO B 24 9.77 13.88 -11.87
N SER B 25 8.89 14.83 -12.20
CA SER B 25 7.52 14.68 -11.82
C SER B 25 6.83 14.23 -13.10
N LEU B 26 6.01 13.19 -12.99
CA LEU B 26 5.26 12.74 -14.15
C LEU B 26 4.16 13.82 -14.31
N PHE B 27 3.63 13.94 -15.52
CA PHE B 27 2.56 14.88 -15.83
C PHE B 27 1.27 14.26 -15.27
N TRP B 28 0.19 15.01 -15.30
CA TRP B 28 -1.12 14.53 -14.83
C TRP B 28 -1.36 13.09 -15.28
N SER B 29 -1.89 12.27 -14.38
CA SER B 29 -2.18 10.86 -14.67
C SER B 29 -3.52 10.70 -15.38
N ASN B 30 -4.27 11.79 -15.50
CA ASN B 30 -5.61 11.74 -16.11
C ASN B 30 -5.85 10.96 -17.38
N THR B 31 -6.96 10.23 -17.39
CA THR B 31 -7.34 9.46 -18.55
C THR B 31 -7.66 10.48 -19.64
N GLY B 32 -7.02 10.33 -20.79
CA GLY B 32 -7.22 11.22 -21.92
C GLY B 32 -6.23 12.37 -22.03
N TRP B 33 -5.32 12.48 -21.06
CA TRP B 33 -4.34 13.56 -21.11
C TRP B 33 -3.00 13.25 -21.74
N GLY B 34 -2.86 12.01 -22.22
CA GLY B 34 -1.63 11.60 -22.87
C GLY B 34 -0.40 11.13 -22.14
N ALA B 35 -0.41 11.21 -20.82
CA ALA B 35 0.75 10.78 -20.06
C ALA B 35 0.58 9.41 -19.43
N GLU B 36 -0.55 8.76 -19.70
CA GLU B 36 -0.80 7.42 -19.13
C GLU B 36 0.33 6.46 -19.51
N LYS B 37 0.85 6.62 -20.73
CA LYS B 37 1.94 5.75 -21.20
C LYS B 37 3.25 5.86 -20.41
N PHE B 38 3.37 6.86 -19.55
CA PHE B 38 4.59 7.03 -18.76
C PHE B 38 4.45 6.50 -17.35
N TYR B 39 3.23 6.12 -16.95
CA TYR B 39 3.00 5.59 -15.61
C TYR B 39 3.27 4.11 -15.67
N THR B 40 4.54 3.77 -15.85
CA THR B 40 4.98 2.38 -15.97
C THR B 40 6.25 2.08 -15.22
N ALA B 41 6.46 0.80 -14.98
CA ALA B 41 7.66 0.38 -14.28
C ALA B 41 8.87 0.70 -15.16
N GLU B 42 8.72 0.58 -16.49
CA GLU B 42 9.78 0.86 -17.45
C GLU B 42 10.23 2.33 -17.33
N THR B 43 9.27 3.23 -17.25
CA THR B 43 9.57 4.65 -17.14
C THR B 43 10.26 5.00 -15.81
N VAL B 44 9.83 4.40 -14.71
CA VAL B 44 10.45 4.68 -13.41
C VAL B 44 11.91 4.19 -13.47
N ALA B 45 12.13 3.01 -14.06
CA ALA B 45 13.48 2.44 -14.18
C ALA B 45 14.38 3.34 -15.02
N LYS B 46 13.84 3.87 -16.12
CA LYS B 46 14.58 4.75 -17.01
C LYS B 46 14.94 6.07 -16.32
N ALA B 47 14.07 6.60 -15.45
CA ALA B 47 14.38 7.86 -14.77
C ALA B 47 15.68 7.62 -13.98
N LYS B 48 15.80 6.41 -13.43
CA LYS B 48 17.00 6.09 -12.68
C LYS B 48 18.21 5.84 -13.58
N THR B 49 18.08 4.96 -14.58
CA THR B 49 19.22 4.67 -15.46
C THR B 49 19.66 5.81 -16.36
N GLU B 50 18.73 6.63 -16.82
CA GLU B 50 19.09 7.74 -17.68
C GLU B 50 19.57 8.98 -16.95
N PHE B 51 18.80 9.39 -15.94
CA PHE B 51 19.12 10.60 -15.17
C PHE B 51 19.69 10.43 -13.76
N ASN B 52 19.74 9.21 -13.25
CA ASN B 52 20.23 8.96 -11.89
C ASN B 52 19.24 9.62 -10.90
N ALA B 53 17.97 9.61 -11.27
CA ALA B 53 16.95 10.21 -10.41
C ALA B 53 16.83 9.38 -9.14
N THR B 54 16.61 10.05 -8.00
CA THR B 54 16.45 9.37 -6.72
C THR B 54 15.00 9.40 -6.23
N LEU B 55 14.13 10.05 -7.00
CA LEU B 55 12.69 10.14 -6.66
C LEU B 55 11.90 10.33 -7.94
N ILE B 56 10.59 10.08 -7.83
CA ILE B 56 9.67 10.27 -8.93
C ILE B 56 8.34 10.73 -8.28
N ARG B 57 7.66 11.68 -8.92
CA ARG B 57 6.39 12.20 -8.44
C ARG B 57 5.24 11.71 -9.33
N ALA B 58 4.22 11.12 -8.69
CA ALA B 58 3.06 10.61 -9.38
C ALA B 58 1.94 11.66 -9.17
N ALA B 59 1.66 12.43 -10.22
CA ALA B 59 0.64 13.51 -10.19
C ALA B 59 -0.74 12.95 -10.51
N ILE B 60 -1.41 12.46 -9.48
CA ILE B 60 -2.74 11.87 -9.64
C ILE B 60 -3.79 12.97 -9.70
N GLY B 61 -4.30 13.20 -10.90
CA GLY B 61 -5.28 14.24 -11.11
C GLY B 61 -6.57 14.22 -10.32
N HIS B 62 -6.93 15.37 -9.78
CA HIS B 62 -8.14 15.50 -9.01
C HIS B 62 -8.88 16.78 -9.41
N GLY B 63 -10.20 16.73 -9.49
CA GLY B 63 -10.98 17.92 -9.84
C GLY B 63 -12.39 17.54 -10.25
N THR B 64 -13.39 18.13 -9.60
CA THR B 64 -14.79 17.83 -9.91
C THR B 64 -15.21 18.23 -11.32
N SER B 65 -14.43 19.09 -11.96
CA SER B 65 -14.71 19.56 -13.32
C SER B 65 -13.48 19.32 -14.19
N THR B 66 -12.54 18.51 -13.71
CA THR B 66 -11.31 18.23 -14.44
C THR B 66 -11.42 16.85 -15.08
N GLY B 67 -11.60 16.83 -16.39
CA GLY B 67 -11.74 15.59 -17.12
C GLY B 67 -10.71 14.50 -16.90
N GLY B 68 -11.18 13.27 -16.79
CA GLY B 68 -10.30 12.12 -16.59
C GLY B 68 -9.59 12.00 -15.26
N SER B 69 -9.96 12.84 -14.31
CA SER B 69 -9.34 12.83 -12.97
C SER B 69 -9.96 11.74 -12.09
N LEU B 70 -9.56 11.73 -10.83
CA LEU B 70 -10.07 10.76 -9.88
C LEU B 70 -11.60 10.85 -9.76
N ASN B 71 -12.19 12.01 -10.05
CA ASN B 71 -13.64 12.20 -9.96
C ASN B 71 -14.38 11.56 -11.12
N PHE B 72 -13.63 11.10 -12.13
CA PHE B 72 -14.23 10.47 -13.31
C PHE B 72 -13.73 9.06 -13.58
N ASP B 73 -12.47 8.80 -13.29
CA ASP B 73 -11.89 7.47 -13.53
C ASP B 73 -10.99 7.12 -12.36
N TRP B 74 -11.64 6.77 -11.26
CA TRP B 74 -10.91 6.40 -10.06
C TRP B 74 -9.98 5.23 -10.30
N GLU B 75 -10.49 4.17 -10.86
CA GLU B 75 -9.69 2.99 -11.14
C GLU B 75 -8.48 3.20 -12.02
N GLY B 76 -8.66 3.86 -13.16
CA GLY B 76 -7.54 4.09 -14.07
C GLY B 76 -6.42 4.88 -13.42
N ASN B 77 -6.79 5.97 -12.75
CA ASN B 77 -5.77 6.79 -12.09
C ASN B 77 -5.10 6.04 -10.95
N MET B 78 -5.88 5.32 -10.13
CA MET B 78 -5.31 4.58 -9.02
C MET B 78 -4.42 3.41 -9.47
N SER B 79 -4.74 2.79 -10.62
CA SER B 79 -3.93 1.69 -11.12
C SER B 79 -2.58 2.27 -11.60
N ARG B 80 -2.61 3.44 -12.24
CA ARG B 80 -1.38 4.08 -12.73
C ARG B 80 -0.51 4.44 -11.51
N LEU B 81 -1.16 4.91 -10.45
CA LEU B 81 -0.41 5.26 -9.23
C LEU B 81 0.26 4.01 -8.66
N ASP B 82 -0.51 2.91 -8.59
CA ASP B 82 0.02 1.68 -8.05
C ASP B 82 1.24 1.17 -8.78
N THR B 83 1.19 1.24 -10.10
CA THR B 83 2.31 0.78 -10.90
C THR B 83 3.57 1.59 -10.62
N VAL B 84 3.42 2.91 -10.55
CA VAL B 84 4.57 3.77 -10.27
C VAL B 84 5.09 3.63 -8.85
N VAL B 85 4.21 3.51 -7.86
CA VAL B 85 4.68 3.37 -6.47
C VAL B 85 5.46 2.07 -6.31
N ASN B 86 4.90 0.97 -6.82
CA ASN B 86 5.60 -0.31 -6.69
C ASN B 86 6.94 -0.31 -7.40
N ALA B 87 6.99 0.34 -8.57
CA ALA B 87 8.25 0.40 -9.32
C ALA B 87 9.28 1.25 -8.55
N ALA B 88 8.85 2.36 -7.96
CA ALA B 88 9.78 3.20 -7.22
C ALA B 88 10.38 2.39 -6.07
N ILE B 89 9.54 1.61 -5.39
CA ILE B 89 10.01 0.79 -4.28
C ILE B 89 11.06 -0.22 -4.78
N ALA B 90 10.75 -0.85 -5.91
CA ALA B 90 11.67 -1.83 -6.50
C ALA B 90 12.99 -1.20 -6.93
N GLU B 91 12.96 0.07 -7.35
CA GLU B 91 14.15 0.78 -7.79
C GLU B 91 14.86 1.59 -6.68
N ASP B 92 14.40 1.45 -5.44
CA ASP B 92 15.01 2.18 -4.32
C ASP B 92 14.97 3.69 -4.55
N MET B 93 13.80 4.16 -4.96
CA MET B 93 13.55 5.59 -5.22
C MET B 93 12.40 6.05 -4.35
N TYR B 94 12.38 7.33 -4.03
CA TYR B 94 11.29 7.86 -3.23
C TYR B 94 10.16 8.11 -4.23
N VAL B 95 8.93 8.01 -3.74
CA VAL B 95 7.82 8.27 -4.62
C VAL B 95 6.93 9.30 -3.92
N ILE B 96 6.69 10.42 -4.59
CA ILE B 96 5.83 11.47 -4.03
C ILE B 96 4.42 11.19 -4.57
N ILE B 97 3.52 10.81 -3.66
CA ILE B 97 2.13 10.53 -4.04
C ILE B 97 1.40 11.87 -3.94
N ASP B 98 1.20 12.47 -5.11
CA ASP B 98 0.58 13.76 -5.23
C ASP B 98 -0.90 13.82 -5.62
N PHE B 99 -1.73 14.32 -4.69
CA PHE B 99 -3.17 14.48 -4.94
C PHE B 99 -3.07 15.80 -5.73
N HIS B 100 -3.07 15.66 -7.05
CA HIS B 100 -2.91 16.79 -7.98
C HIS B 100 -4.16 17.59 -8.19
N SER B 101 -4.41 18.40 -7.17
CA SER B 101 -5.58 19.26 -7.09
C SER B 101 -5.40 20.75 -6.85
N HIS B 102 -6.42 21.50 -7.27
CA HIS B 102 -6.48 22.94 -7.08
C HIS B 102 -7.77 23.16 -6.27
N GLU B 103 -8.38 22.11 -5.72
CA GLU B 103 -9.64 22.30 -4.97
C GLU B 103 -9.86 21.20 -3.91
N ALA B 104 -8.78 20.71 -3.33
CA ALA B 104 -8.89 19.65 -2.33
C ALA B 104 -9.74 19.99 -1.13
N HIS B 105 -9.68 21.24 -0.69
CA HIS B 105 -10.43 21.66 0.48
C HIS B 105 -11.94 21.69 0.26
N THR B 106 -12.38 21.70 -1.01
CA THR B 106 -13.81 21.72 -1.32
C THR B 106 -14.34 20.35 -1.77
N ASP B 107 -13.48 19.32 -1.80
CA ASP B 107 -13.88 17.96 -2.19
C ASP B 107 -13.15 17.10 -1.17
N GLN B 108 -13.31 17.45 0.10
CA GLN B 108 -12.62 16.73 1.16
C GLN B 108 -12.86 15.25 1.31
N ALA B 109 -14.10 14.82 1.15
CA ALA B 109 -14.36 13.39 1.29
C ALA B 109 -13.53 12.58 0.29
N THR B 110 -13.41 13.07 -0.94
CA THR B 110 -12.62 12.37 -1.96
C THR B 110 -11.14 12.38 -1.52
N ALA B 111 -10.65 13.51 -1.03
CA ALA B 111 -9.25 13.60 -0.59
C ALA B 111 -8.97 12.59 0.54
N VAL B 112 -9.90 12.47 1.49
CA VAL B 112 -9.77 11.53 2.60
C VAL B 112 -9.81 10.11 2.07
N ARG B 113 -10.69 9.83 1.11
CA ARG B 113 -10.76 8.49 0.54
C ARG B 113 -9.41 8.17 -0.13
N PHE B 114 -8.87 9.13 -0.88
CA PHE B 114 -7.59 8.89 -1.54
C PHE B 114 -6.46 8.64 -0.54
N PHE B 115 -6.35 9.51 0.47
CA PHE B 115 -5.29 9.34 1.45
C PHE B 115 -5.38 8.15 2.37
N GLU B 116 -6.59 7.76 2.72
CA GLU B 116 -6.71 6.59 3.58
C GLU B 116 -6.33 5.38 2.72
N ASP B 117 -6.68 5.41 1.44
CA ASP B 117 -6.35 4.31 0.57
C ASP B 117 -4.85 4.19 0.36
N VAL B 118 -4.19 5.30 0.02
CA VAL B 118 -2.75 5.22 -0.20
C VAL B 118 -1.96 4.88 1.07
N ALA B 119 -2.39 5.39 2.23
CA ALA B 119 -1.71 5.10 3.49
C ALA B 119 -1.85 3.58 3.78
N THR B 120 -3.02 3.03 3.51
CA THR B 120 -3.24 1.61 3.75
C THR B 120 -2.41 0.72 2.82
N LYS B 121 -2.38 1.06 1.55
CA LYS B 121 -1.63 0.27 0.61
C LYS B 121 -0.13 0.43 0.58
N TYR B 122 0.33 1.64 0.84
CA TYR B 122 1.76 1.90 0.75
C TYR B 122 2.48 2.51 1.91
N GLY B 123 1.76 2.82 2.96
CA GLY B 123 2.36 3.45 4.12
C GLY B 123 3.54 2.77 4.75
N GLN B 124 3.59 1.45 4.65
CA GLN B 124 4.72 0.77 5.28
C GLN B 124 6.08 1.02 4.67
N TYR B 125 6.13 1.63 3.49
CA TYR B 125 7.39 1.90 2.83
C TYR B 125 7.93 3.28 3.11
N ASP B 126 9.22 3.35 3.47
CA ASP B 126 9.86 4.63 3.74
C ASP B 126 9.99 5.47 2.46
N ASN B 127 9.81 4.85 1.30
CA ASN B 127 9.92 5.53 0.02
C ASN B 127 8.75 6.50 -0.22
N VAL B 128 7.64 6.26 0.46
CA VAL B 128 6.45 7.07 0.30
C VAL B 128 6.35 8.40 1.00
N ILE B 129 6.14 9.44 0.18
CA ILE B 129 5.98 10.82 0.66
C ILE B 129 4.56 11.21 0.23
N TYR B 130 3.78 11.79 1.12
CA TYR B 130 2.42 12.19 0.80
C TYR B 130 2.36 13.68 0.50
N GLU B 131 1.83 14.07 -0.67
CA GLU B 131 1.69 15.48 -1.04
C GLU B 131 0.17 15.59 -1.14
N ILE B 132 -0.40 16.18 -0.08
CA ILE B 132 -1.83 16.30 0.06
C ILE B 132 -2.67 17.32 -0.67
N TYR B 133 -2.03 18.31 -1.26
CA TYR B 133 -2.79 19.36 -1.97
C TYR B 133 -1.82 20.06 -2.90
N ASN B 134 -1.71 19.56 -4.11
CA ASN B 134 -0.79 20.13 -5.09
C ASN B 134 -0.63 21.63 -5.12
N GLU B 135 -1.69 22.30 -5.56
CA GLU B 135 -1.69 23.73 -5.69
C GLU B 135 -2.94 24.47 -5.33
N PRO B 136 -3.04 24.88 -4.06
CA PRO B 136 -4.21 25.66 -3.65
C PRO B 136 -4.14 26.95 -4.50
N LEU B 137 -5.28 27.59 -4.70
CA LEU B 137 -5.34 28.83 -5.49
C LEU B 137 -5.13 30.01 -4.53
N GLN B 138 -5.79 31.15 -4.77
CA GLN B 138 -5.62 32.31 -3.91
C GLN B 138 -6.59 32.26 -2.74
N ILE B 139 -6.35 31.27 -1.90
CA ILE B 139 -7.15 31.01 -0.73
C ILE B 139 -6.40 31.25 0.58
N SER B 140 -7.11 31.11 1.69
CA SER B 140 -6.53 31.33 2.99
C SER B 140 -5.72 30.18 3.57
N TRP B 141 -4.48 30.47 3.95
CA TRP B 141 -3.65 29.45 4.55
C TRP B 141 -4.26 29.04 5.90
N VAL B 142 -4.50 30.02 6.78
N VAL B 142 -4.50 30.02 6.78
CA VAL B 142 -5.06 29.71 8.09
CA VAL B 142 -5.06 29.70 8.09
C VAL B 142 -6.48 29.14 8.11
C VAL B 142 -6.47 29.13 8.10
N ASN B 143 -7.35 29.64 7.25
CA ASN B 143 -8.72 29.16 7.21
C ASN B 143 -9.15 28.11 6.22
N ASP B 144 -8.40 27.97 5.13
CA ASP B 144 -8.77 26.97 4.14
C ASP B 144 -7.81 25.80 4.06
N ILE B 145 -6.53 26.09 3.84
CA ILE B 145 -5.54 25.02 3.73
C ILE B 145 -5.16 24.30 5.00
N LYS B 146 -4.84 25.06 6.03
CA LYS B 146 -4.46 24.46 7.29
C LYS B 146 -5.49 23.50 7.92
N PRO B 147 -6.78 23.88 7.98
CA PRO B 147 -7.76 22.96 8.57
C PRO B 147 -7.86 21.68 7.74
N TYR B 148 -7.85 21.82 6.42
CA TYR B 148 -7.93 20.65 5.54
C TYR B 148 -6.69 19.75 5.78
N ALA B 149 -5.52 20.38 5.88
CA ALA B 149 -4.28 19.66 6.09
C ALA B 149 -4.28 18.90 7.41
N GLU B 150 -4.73 19.57 8.47
CA GLU B 150 -4.77 18.90 9.78
C GLU B 150 -5.68 17.67 9.72
N THR B 151 -6.84 17.84 9.08
CA THR B 151 -7.77 16.74 8.95
C THR B 151 -7.16 15.56 8.18
N VAL B 152 -6.54 15.85 7.03
CA VAL B 152 -5.93 14.80 6.21
C VAL B 152 -4.71 14.16 6.86
N ILE B 153 -3.87 14.98 7.48
CA ILE B 153 -2.68 14.46 8.15
C ILE B 153 -3.14 13.45 9.22
N ASP B 154 -4.16 13.82 9.98
CA ASP B 154 -4.66 12.91 11.05
C ASP B 154 -5.29 11.65 10.50
N LYS B 155 -5.97 11.76 9.36
CA LYS B 155 -6.58 10.56 8.76
C LYS B 155 -5.45 9.64 8.27
N ILE B 156 -4.40 10.21 7.66
CA ILE B 156 -3.31 9.37 7.19
C ILE B 156 -2.60 8.71 8.37
N ARG B 157 -2.35 9.51 9.42
CA ARG B 157 -1.64 8.95 10.56
C ARG B 157 -2.29 7.91 11.43
N ALA B 158 -3.61 7.79 11.30
CA ALA B 158 -4.30 6.77 12.09
C ALA B 158 -3.95 5.41 11.43
N ILE B 159 -3.48 5.46 10.19
CA ILE B 159 -3.11 4.27 9.42
C ILE B 159 -1.61 4.07 9.28
N ASP B 160 -0.93 5.15 8.92
CA ASP B 160 0.52 5.17 8.73
C ASP B 160 1.05 6.34 9.55
N PRO B 161 1.47 6.10 10.78
CA PRO B 161 1.98 7.20 11.61
C PRO B 161 3.33 7.80 11.22
N ASP B 162 4.15 7.04 10.51
CA ASP B 162 5.49 7.52 10.14
C ASP B 162 5.63 7.92 8.72
N ASN B 163 5.90 9.18 8.50
CA ASN B 163 6.06 9.65 7.12
C ASN B 163 6.29 11.14 7.08
N LEU B 164 6.72 11.56 5.89
CA LEU B 164 6.95 12.96 5.61
C LEU B 164 5.67 13.33 4.80
N ILE B 165 5.02 14.41 5.19
CA ILE B 165 3.82 14.88 4.49
C ILE B 165 4.16 16.31 4.05
N VAL B 166 3.95 16.58 2.76
CA VAL B 166 4.23 17.89 2.16
C VAL B 166 2.90 18.58 1.89
N VAL B 167 2.75 19.80 2.42
CA VAL B 167 1.50 20.55 2.29
C VAL B 167 1.57 21.76 1.38
N GLY B 168 0.61 21.82 0.45
CA GLY B 168 0.53 22.91 -0.51
C GLY B 168 0.31 24.25 0.20
N THR B 169 0.80 25.30 -0.47
CA THR B 169 0.70 26.65 0.06
C THR B 169 -0.12 27.54 -0.86
N PRO B 170 -0.57 28.70 -0.37
CA PRO B 170 -1.38 29.56 -1.24
C PRO B 170 -0.72 30.06 -2.51
N THR B 171 -1.60 30.44 -3.45
CA THR B 171 -1.19 30.99 -4.74
C THR B 171 -0.28 30.06 -5.52
N TRP B 172 -0.84 28.90 -5.87
CA TRP B 172 -0.12 27.88 -6.63
C TRP B 172 1.17 27.49 -5.93
N SER B 173 1.08 27.31 -4.61
CA SER B 173 2.24 26.92 -3.82
C SER B 173 3.46 27.85 -3.88
N GLN B 174 3.18 29.14 -3.92
CA GLN B 174 4.23 30.14 -3.93
C GLN B 174 4.36 30.81 -2.58
N ASP B 175 3.23 30.89 -1.85
CA ASP B 175 3.22 31.56 -0.56
C ASP B 175 3.71 30.81 0.65
N VAL B 176 4.91 30.25 0.53
CA VAL B 176 5.51 29.50 1.63
C VAL B 176 5.77 30.45 2.80
N ASP B 177 6.00 31.73 2.48
CA ASP B 177 6.24 32.75 3.52
C ASP B 177 4.97 32.89 4.40
N VAL B 178 3.80 32.95 3.78
CA VAL B 178 2.54 33.08 4.51
C VAL B 178 2.36 31.82 5.37
N ALA B 179 2.55 30.63 4.79
CA ALA B 179 2.40 29.40 5.57
C ALA B 179 3.37 29.38 6.77
N SER B 180 4.56 29.92 6.58
CA SER B 180 5.56 29.92 7.63
C SER B 180 5.19 30.78 8.83
N GLN B 181 4.25 31.71 8.65
CA GLN B 181 3.83 32.55 9.76
C GLN B 181 2.92 31.78 10.72
N ASN B 182 2.34 30.67 10.26
CA ASN B 182 1.46 29.86 11.10
C ASN B 182 1.61 28.39 10.71
N PRO B 183 2.75 27.77 11.06
CA PRO B 183 2.97 26.37 10.69
C PRO B 183 2.01 25.38 11.31
N ILE B 184 1.95 24.20 10.71
CA ILE B 184 1.09 23.12 11.18
C ILE B 184 1.84 22.41 12.29
N ASP B 185 1.14 22.20 13.41
CA ASP B 185 1.72 21.53 14.55
C ASP B 185 1.53 20.01 14.53
N ARG B 186 2.35 19.37 13.71
CA ARG B 186 2.37 17.91 13.54
C ARG B 186 3.83 17.60 13.23
N ALA B 187 4.22 16.36 13.48
CA ALA B 187 5.61 16.00 13.19
C ALA B 187 5.82 15.77 11.70
N ASN B 188 7.07 15.98 11.27
CA ASN B 188 7.46 15.76 9.91
C ASN B 188 6.62 16.33 8.77
N ILE B 189 6.32 17.61 8.89
CA ILE B 189 5.55 18.28 7.84
C ILE B 189 6.49 19.26 7.14
N ALA B 190 6.45 19.27 5.81
CA ALA B 190 7.25 20.18 4.97
C ALA B 190 6.18 20.90 4.13
N TYR B 191 6.60 21.99 3.50
CA TYR B 191 5.69 22.82 2.73
C TYR B 191 6.12 22.95 1.29
N THR B 192 5.12 22.92 0.43
CA THR B 192 5.34 22.99 -1.00
C THR B 192 5.74 24.31 -1.60
N LEU B 193 6.79 24.26 -2.43
CA LEU B 193 7.27 25.45 -3.12
C LEU B 193 7.27 25.10 -4.61
N HIS B 194 6.56 25.87 -5.43
CA HIS B 194 6.50 25.65 -6.87
C HIS B 194 6.92 26.90 -7.61
N PHE B 195 7.68 26.74 -8.69
CA PHE B 195 8.11 27.92 -9.46
C PHE B 195 8.48 27.48 -10.87
N TYR B 196 8.44 28.44 -11.81
CA TYR B 196 8.81 28.20 -13.20
C TYR B 196 9.84 29.30 -13.46
N ALA B 197 11.03 28.88 -13.87
CA ALA B 197 12.14 29.80 -14.11
C ALA B 197 11.94 30.93 -15.09
N GLY B 198 11.05 30.75 -16.05
CA GLY B 198 10.81 31.81 -17.02
C GLY B 198 9.86 32.88 -16.51
N THR B 199 9.26 32.65 -15.34
CA THR B 199 8.31 33.61 -14.79
C THR B 199 8.58 34.08 -13.36
N HIS B 200 9.07 33.16 -12.53
CA HIS B 200 9.34 33.46 -11.11
C HIS B 200 10.79 33.66 -10.79
N GLY B 201 11.16 34.91 -10.51
CA GLY B 201 12.53 35.26 -10.20
C GLY B 201 12.92 35.43 -8.75
N GLN B 202 13.86 36.34 -8.51
CA GLN B 202 14.34 36.60 -7.17
C GLN B 202 13.31 36.91 -6.11
N SER B 203 12.29 37.68 -6.42
N SER B 203 12.28 37.67 -6.46
CA SER B 203 11.32 37.97 -5.38
CA SER B 203 11.23 38.01 -5.49
C SER B 203 10.63 36.70 -4.89
C SER B 203 10.50 36.77 -4.96
N TYR B 204 10.43 35.73 -5.78
CA TYR B 204 9.78 34.47 -5.38
C TYR B 204 10.76 33.68 -4.51
N ARG B 205 12.05 33.74 -4.82
CA ARG B 205 13.06 33.05 -4.03
C ARG B 205 13.12 33.73 -2.63
N ASN B 206 12.88 35.04 -2.59
CA ASN B 206 12.91 35.77 -1.32
C ASN B 206 11.80 35.26 -0.41
N LYS B 207 10.65 34.93 -0.98
CA LYS B 207 9.55 34.42 -0.17
C LYS B 207 9.97 33.08 0.45
N ALA B 208 10.67 32.26 -0.33
CA ALA B 208 11.12 30.96 0.19
C ALA B 208 12.15 31.18 1.29
N GLN B 209 13.02 32.17 1.11
CA GLN B 209 14.03 32.44 2.12
C GLN B 209 13.32 32.86 3.42
N THR B 210 12.27 33.66 3.34
CA THR B 210 11.51 34.09 4.53
C THR B 210 10.99 32.84 5.27
N ALA B 211 10.46 31.88 4.49
CA ALA B 211 9.92 30.66 5.10
C ALA B 211 11.02 29.88 5.85
N LEU B 212 12.19 29.70 5.21
CA LEU B 212 13.29 28.98 5.84
C LEU B 212 13.72 29.73 7.09
N ASP B 213 13.75 31.05 7.01
CA ASP B 213 14.15 31.87 8.15
C ASP B 213 13.17 31.69 9.30
N ASN B 214 11.91 31.50 8.97
CA ASN B 214 10.87 31.30 9.98
C ASN B 214 10.82 29.89 10.55
N GLY B 215 11.75 29.04 10.09
CA GLY B 215 11.81 27.68 10.59
C GLY B 215 11.07 26.52 9.96
N ILE B 216 10.54 26.70 8.76
CA ILE B 216 9.83 25.57 8.13
C ILE B 216 10.63 24.96 7.00
N ALA B 217 10.45 23.67 6.79
CA ALA B 217 11.14 22.95 5.74
C ALA B 217 10.35 23.03 4.45
N LEU B 218 11.06 23.16 3.33
CA LEU B 218 10.41 23.27 2.03
C LEU B 218 10.76 22.11 1.14
N PHE B 219 9.83 21.73 0.25
CA PHE B 219 10.06 20.63 -0.71
C PHE B 219 9.51 21.20 -2.03
N ALA B 220 10.37 21.36 -3.03
CA ALA B 220 9.92 21.90 -4.32
C ALA B 220 9.39 20.76 -5.18
N THR B 221 8.19 20.31 -4.83
CA THR B 221 7.58 19.19 -5.55
C THR B 221 7.28 19.39 -7.01
N GLU B 222 7.32 20.63 -7.50
CA GLU B 222 7.06 20.85 -8.91
C GLU B 222 7.71 22.13 -9.33
N TRP B 223 8.48 22.07 -10.41
CA TRP B 223 9.13 23.30 -10.90
C TRP B 223 9.47 23.09 -12.35
N GLY B 224 9.50 24.19 -13.09
CA GLY B 224 9.82 24.12 -14.51
C GLY B 224 10.93 25.07 -14.91
N THR B 225 11.62 24.74 -16.00
CA THR B 225 12.72 25.56 -16.53
C THR B 225 12.19 26.61 -17.48
N VAL B 226 10.94 26.47 -17.89
CA VAL B 226 10.29 27.37 -18.84
C VAL B 226 9.30 28.32 -18.17
N ASN B 227 8.36 28.87 -18.94
CA ASN B 227 7.38 29.80 -18.37
C ASN B 227 6.32 29.05 -17.56
N ALA B 228 5.62 29.78 -16.70
CA ALA B 228 4.58 29.21 -15.81
C ALA B 228 3.43 28.44 -16.41
N ASP B 229 3.19 28.63 -17.69
CA ASP B 229 2.09 27.94 -18.36
C ASP B 229 2.61 26.61 -18.95
N GLY B 230 3.86 26.29 -18.66
CA GLY B 230 4.49 25.07 -19.13
C GLY B 230 5.08 25.10 -20.53
N ASN B 231 5.21 26.30 -21.11
CA ASN B 231 5.77 26.45 -22.44
C ASN B 231 6.86 27.55 -22.46
N GLY B 232 7.41 27.82 -23.63
CA GLY B 232 8.46 28.84 -23.76
C GLY B 232 9.87 28.29 -23.63
N GLY B 233 10.86 29.18 -23.79
CA GLY B 233 12.25 28.80 -23.70
C GLY B 233 12.78 28.53 -22.30
N VAL B 234 13.89 27.80 -22.22
CA VAL B 234 14.54 27.48 -20.94
C VAL B 234 15.31 28.68 -20.41
N ASN B 235 14.96 29.15 -19.23
CA ASN B 235 15.67 30.29 -18.64
C ASN B 235 16.80 29.72 -17.77
N ILE B 236 18.01 29.62 -18.34
CA ILE B 236 19.14 29.08 -17.61
C ILE B 236 19.58 29.92 -16.43
N ASN B 237 19.57 31.25 -16.57
CA ASN B 237 19.98 32.13 -15.46
C ASN B 237 19.13 31.86 -14.21
N GLU B 238 17.82 31.93 -14.36
CA GLU B 238 16.89 31.71 -13.25
C GLU B 238 16.91 30.25 -12.78
N THR B 239 17.01 29.29 -13.69
CA THR B 239 17.03 27.89 -13.31
C THR B 239 18.24 27.63 -12.40
N ASP B 240 19.41 28.12 -12.83
CA ASP B 240 20.65 27.94 -12.05
C ASP B 240 20.57 28.62 -10.68
N ALA B 241 19.95 29.80 -10.61
CA ALA B 241 19.83 30.52 -9.34
C ALA B 241 18.94 29.72 -8.39
N TRP B 242 17.82 29.19 -8.90
CA TRP B 242 16.92 28.41 -8.07
C TRP B 242 17.60 27.12 -7.63
N MET B 243 18.33 26.47 -8.53
CA MET B 243 19.02 25.21 -8.17
C MET B 243 20.11 25.42 -7.13
N ALA B 244 20.78 26.58 -7.19
CA ALA B 244 21.83 26.86 -6.21
C ALA B 244 21.17 27.11 -4.87
N PHE B 245 20.03 27.80 -4.89
CA PHE B 245 19.28 28.09 -3.68
C PHE B 245 18.83 26.74 -3.05
N PHE B 246 18.38 25.79 -3.87
CA PHE B 246 17.95 24.50 -3.34
C PHE B 246 19.15 23.69 -2.80
N LYS B 247 20.26 23.70 -3.54
CA LYS B 247 21.44 22.96 -3.11
C LYS B 247 21.97 23.45 -1.77
N THR B 248 22.00 24.76 -1.58
CA THR B 248 22.49 25.32 -0.33
C THR B 248 21.52 25.33 0.84
N ASN B 249 20.35 24.72 0.65
CA ASN B 249 19.33 24.65 1.69
C ASN B 249 18.75 23.24 1.81
N ASN B 250 19.38 22.29 1.11
CA ASN B 250 18.95 20.88 1.08
C ASN B 250 17.48 20.72 0.71
N ILE B 251 17.06 21.46 -0.30
CA ILE B 251 15.68 21.39 -0.77
C ILE B 251 15.58 20.41 -1.94
N SER B 252 14.78 19.37 -1.74
CA SER B 252 14.56 18.33 -2.76
C SER B 252 13.59 18.89 -3.82
N HIS B 253 13.60 18.30 -5.01
CA HIS B 253 12.73 18.80 -6.04
C HIS B 253 12.38 17.85 -7.15
N ALA B 254 11.25 18.15 -7.81
CA ALA B 254 10.77 17.33 -8.91
C ALA B 254 10.41 18.26 -10.06
N ASN B 255 11.01 17.99 -11.21
CA ASN B 255 10.77 18.80 -12.41
C ASN B 255 9.53 18.42 -13.21
N TRP B 256 8.78 19.42 -13.67
CA TRP B 256 7.59 19.19 -14.48
C TRP B 256 8.09 19.37 -15.95
N ALA B 257 7.94 18.38 -16.84
CA ALA B 257 7.31 17.08 -16.55
C ALA B 257 7.83 15.98 -17.47
N LEU B 258 7.82 14.75 -16.95
CA LEU B 258 8.26 13.55 -17.69
C LEU B 258 6.96 13.36 -18.50
N ASN B 259 7.03 13.75 -19.77
CA ASN B 259 5.90 13.71 -20.70
C ASN B 259 6.42 14.09 -22.08
N ASP B 260 5.56 13.98 -23.08
CA ASP B 260 5.92 14.32 -24.45
C ASP B 260 4.89 15.24 -25.12
N LYS B 261 4.11 15.95 -24.32
CA LYS B 261 3.10 16.86 -24.86
C LYS B 261 3.89 17.95 -25.60
N ASN B 262 3.26 18.53 -26.62
CA ASN B 262 3.88 19.59 -27.42
C ASN B 262 3.95 20.94 -26.69
N GLU B 263 4.83 21.02 -25.70
CA GLU B 263 5.04 22.23 -24.90
C GLU B 263 6.46 22.15 -24.33
N GLY B 264 7.05 23.30 -24.04
CA GLY B 264 8.40 23.33 -23.53
C GLY B 264 8.74 22.59 -22.25
N ALA B 265 7.76 22.45 -21.34
CA ALA B 265 8.04 21.77 -20.09
C ALA B 265 8.28 20.28 -20.23
N SER B 266 7.80 19.68 -21.33
CA SER B 266 8.00 18.25 -21.49
C SER B 266 9.45 17.85 -21.58
N LEU B 267 9.83 16.74 -20.93
CA LEU B 267 11.21 16.28 -21.00
C LEU B 267 11.51 15.81 -22.42
N PHE B 268 10.51 15.20 -23.07
CA PHE B 268 10.66 14.67 -24.42
C PHE B 268 9.97 15.41 -25.53
N THR B 269 10.54 15.30 -26.74
CA THR B 269 9.94 15.93 -27.91
C THR B 269 8.69 15.06 -28.19
N PRO B 270 7.68 15.60 -28.89
CA PRO B 270 6.46 14.82 -29.16
C PRO B 270 6.72 13.47 -29.78
N GLY B 271 6.19 12.43 -29.14
CA GLY B 271 6.35 11.07 -29.61
C GLY B 271 7.73 10.53 -29.35
N GLY B 272 8.57 11.34 -28.70
CA GLY B 272 9.92 10.94 -28.40
C GLY B 272 10.11 10.32 -27.03
N SER B 273 11.35 10.01 -26.73
CA SER B 273 11.68 9.41 -25.45
C SER B 273 13.01 9.92 -24.92
N TRP B 274 13.67 9.10 -24.10
CA TRP B 274 14.95 9.42 -23.49
C TRP B 274 16.07 9.84 -24.44
N ASN B 275 16.02 9.39 -25.68
CA ASN B 275 17.04 9.73 -26.67
C ASN B 275 16.69 11.04 -27.41
N SER B 276 15.50 11.58 -27.19
CA SER B 276 15.09 12.81 -27.87
C SER B 276 14.52 13.80 -26.87
N LEU B 277 15.41 14.39 -26.10
CA LEU B 277 15.00 15.34 -25.09
C LEU B 277 14.83 16.74 -25.65
N THR B 278 13.96 17.49 -25.01
CA THR B 278 13.73 18.87 -25.42
C THR B 278 14.85 19.67 -24.74
N SER B 279 14.84 21.00 -24.98
CA SER B 279 15.83 21.89 -24.37
C SER B 279 15.66 21.75 -22.85
N SER B 280 14.41 21.72 -22.37
CA SER B 280 14.19 21.57 -20.93
C SER B 280 14.72 20.22 -20.43
N GLY B 281 14.42 19.16 -21.15
CA GLY B 281 14.87 17.82 -20.76
C GLY B 281 16.38 17.72 -20.68
N SER B 282 17.05 18.38 -21.62
CA SER B 282 18.52 18.36 -21.64
C SER B 282 19.09 19.02 -20.39
N LYS B 283 18.51 20.15 -19.99
CA LYS B 283 18.99 20.87 -18.83
C LYS B 283 18.65 20.09 -17.55
N VAL B 284 17.44 19.52 -17.50
CA VAL B 284 17.02 18.75 -16.35
C VAL B 284 17.88 17.50 -16.16
N LYS B 285 18.25 16.86 -17.26
CA LYS B 285 19.10 15.68 -17.24
C LYS B 285 20.40 16.03 -16.52
N GLU B 286 21.01 17.16 -16.88
CA GLU B 286 22.26 17.57 -16.24
C GLU B 286 22.06 17.88 -14.76
N ILE B 287 20.96 18.55 -14.42
CA ILE B 287 20.70 18.89 -13.03
C ILE B 287 20.55 17.66 -12.16
N ILE B 288 19.71 16.72 -12.60
CA ILE B 288 19.48 15.51 -11.84
C ILE B 288 20.72 14.62 -11.76
N GLN B 289 21.46 14.52 -12.86
CA GLN B 289 22.68 13.69 -12.86
C GLN B 289 23.73 14.28 -11.92
N GLY B 290 23.80 15.60 -11.84
CA GLY B 290 24.77 16.24 -10.97
C GLY B 290 24.29 16.53 -9.57
N TRP B 291 23.12 16.03 -9.19
CA TRP B 291 22.61 16.30 -7.85
C TRP B 291 23.27 15.56 -6.67
#